data_2QV0
#
_entry.id   2QV0
#
_cell.length_a   56.239
_cell.length_b   56.239
_cell.length_c   188.037
_cell.angle_alpha   90.000
_cell.angle_beta   90.000
_cell.angle_gamma   120.000
#
_symmetry.space_group_name_H-M   'P 61'
#
loop_
_entity.id
_entity.type
_entity.pdbx_description
1 polymer 'Protein mrkE'
2 water water
#
_entity_poly.entity_id   1
_entity_poly.type   'polypeptide(L)'
_entity_poly.pdbx_seq_one_letter_code
;MSLVMSGEKMKVIIVEDEFLAQQELSWLINTHSQMEIVGSFDDGLDVLKFLQHNKVDAIFLDINIPSLDGVLLAQNISQF
AHKPFIVFITAWKEHAVEAFELEAFDYILKPYQESRIINMLQKLTTAWEQQNNAAEGHHHHHH
;
_entity_poly.pdbx_strand_id   A,B
#
# COMPACT_ATOMS: atom_id res chain seq x y z
N MET A 10 -10.56 -14.11 -14.50
CA MET A 10 -9.47 -13.63 -13.60
C MET A 10 -9.00 -14.85 -12.82
N LYS A 11 -7.72 -15.20 -12.91
CA LYS A 11 -7.23 -16.39 -12.23
C LYS A 11 -6.49 -16.00 -10.98
N VAL A 12 -6.75 -16.71 -9.89
CA VAL A 12 -6.15 -16.34 -8.62
C VAL A 12 -5.76 -17.62 -7.87
N ILE A 13 -4.76 -17.53 -6.98
CA ILE A 13 -4.49 -18.60 -6.04
C ILE A 13 -4.48 -18.10 -4.59
N ILE A 14 -4.75 -19.01 -3.65
CA ILE A 14 -4.70 -18.71 -2.24
C ILE A 14 -3.51 -19.45 -1.70
N VAL A 15 -2.67 -18.79 -0.93
CA VAL A 15 -1.57 -19.44 -0.27
C VAL A 15 -1.75 -19.30 1.23
N GLU A 16 -2.37 -20.32 1.80
CA GLU A 16 -2.80 -20.25 3.19
C GLU A 16 -2.63 -21.64 3.85
N ASP A 17 -1.78 -21.68 4.89
CA ASP A 17 -1.41 -22.92 5.55
C ASP A 17 -2.48 -23.48 6.48
N GLU A 18 -3.51 -22.66 6.75
CA GLU A 18 -4.60 -23.03 7.67
C GLU A 18 -5.87 -23.29 6.89
N PHE A 19 -6.39 -24.50 7.08
CA PHE A 19 -7.54 -25.01 6.32
C PHE A 19 -8.79 -24.15 6.46
N LEU A 20 -9.12 -23.78 7.69
CA LEU A 20 -10.29 -22.94 7.93
C LEU A 20 -10.19 -21.56 7.29
N ALA A 21 -9.05 -20.91 7.50
CA ALA A 21 -8.70 -19.67 6.78
C ALA A 21 -8.90 -19.74 5.26
N GLN A 22 -8.31 -20.73 4.59
CA GLN A 22 -8.44 -20.82 3.12
C GLN A 22 -9.83 -21.26 2.71
N GLN A 23 -10.41 -22.17 3.48
CA GLN A 23 -11.78 -22.57 3.23
C GLN A 23 -12.67 -21.35 3.32
N GLU A 24 -12.42 -20.53 4.35
CA GLU A 24 -13.08 -19.24 4.57
C GLU A 24 -13.02 -18.34 3.32
N LEU A 25 -11.80 -18.09 2.86
CA LEU A 25 -11.51 -17.13 1.79
C LEU A 25 -12.07 -17.55 0.43
N SER A 26 -11.98 -18.84 0.14
CA SER A 26 -12.49 -19.37 -1.11
C SER A 26 -13.98 -19.02 -1.29
N TRP A 27 -14.70 -18.98 -0.17
CA TRP A 27 -16.13 -18.76 -0.17
C TRP A 27 -16.55 -17.32 -0.56
N LEU A 28 -15.89 -16.33 0.03
CA LEU A 28 -16.13 -14.92 -0.28
C LEU A 28 -15.74 -14.57 -1.74
N ILE A 29 -14.72 -15.24 -2.25
CA ILE A 29 -14.28 -15.01 -3.63
C ILE A 29 -15.30 -15.60 -4.62
N ASN A 30 -15.61 -16.88 -4.42
CA ASN A 30 -16.60 -17.55 -5.25
C ASN A 30 -17.99 -16.88 -5.21
N THR A 31 -18.36 -16.32 -4.06
CA THR A 31 -19.66 -15.65 -3.91
C THR A 31 -19.68 -14.21 -4.43
N HIS A 32 -18.62 -13.46 -4.13
CA HIS A 32 -18.64 -12.02 -4.37
C HIS A 32 -17.84 -11.54 -5.58
N SER A 33 -17.29 -12.46 -6.35
CA SER A 33 -16.62 -12.09 -7.61
C SER A 33 -16.88 -13.12 -8.71
N GLN A 34 -16.57 -12.78 -9.95
CA GLN A 34 -16.34 -13.80 -10.98
C GLN A 34 -14.83 -13.95 -11.14
N MET A 35 -14.21 -14.53 -10.11
CA MET A 35 -12.80 -14.90 -10.13
C MET A 35 -12.78 -16.41 -10.16
N GLU A 36 -11.93 -16.97 -11.02
CA GLU A 36 -11.67 -18.39 -11.02
C GLU A 36 -10.46 -18.65 -10.14
N ILE A 37 -10.72 -19.25 -8.98
CA ILE A 37 -9.65 -19.75 -8.14
C ILE A 37 -9.11 -20.97 -8.85
N VAL A 38 -7.86 -20.85 -9.28
CA VAL A 38 -7.23 -21.84 -10.10
C VAL A 38 -6.31 -22.71 -9.26
N GLY A 39 -6.10 -22.35 -7.99
CA GLY A 39 -5.32 -23.18 -7.08
C GLY A 39 -5.28 -22.64 -5.66
N SER A 40 -4.93 -23.53 -4.72
CA SER A 40 -4.74 -23.20 -3.30
C SER A 40 -3.57 -24.02 -2.82
N PHE A 41 -2.86 -23.53 -1.79
CA PHE A 41 -1.55 -24.09 -1.46
C PHE A 41 -1.26 -23.94 0.01
N ASP A 42 -0.57 -24.93 0.58
CA ASP A 42 -0.12 -24.89 1.96
C ASP A 42 1.38 -24.74 1.98
N ASP A 43 2.02 -24.92 0.82
CA ASP A 43 3.48 -24.89 0.77
C ASP A 43 3.99 -23.84 -0.21
N GLY A 44 4.97 -23.02 0.22
CA GLY A 44 5.59 -22.01 -0.64
C GLY A 44 6.25 -22.54 -1.92
N LEU A 45 6.93 -23.69 -1.81
CA LEU A 45 7.55 -24.31 -2.97
C LEU A 45 6.57 -24.76 -4.04
N ASP A 46 5.40 -25.22 -3.60
CA ASP A 46 4.36 -25.61 -4.55
C ASP A 46 4.01 -24.43 -5.42
N VAL A 47 3.87 -23.27 -4.78
CA VAL A 47 3.45 -22.07 -5.50
C VAL A 47 4.54 -21.71 -6.49
N LEU A 48 5.79 -21.81 -6.06
CA LEU A 48 6.91 -21.57 -6.96
C LEU A 48 6.84 -22.47 -8.19
N LYS A 49 6.82 -23.77 -7.96
CA LYS A 49 6.60 -24.75 -9.03
C LYS A 49 5.33 -24.50 -9.85
N PHE A 50 4.23 -24.12 -9.20
CA PHE A 50 2.99 -23.87 -9.93
C PHE A 50 3.13 -22.69 -10.91
N LEU A 51 3.91 -21.68 -10.50
CA LEU A 51 4.01 -20.41 -11.23
C LEU A 51 4.86 -20.45 -12.51
N GLN A 52 5.65 -21.50 -12.67
CA GLN A 52 6.47 -21.69 -13.88
C GLN A 52 5.60 -22.12 -15.05
N HIS A 53 4.52 -22.85 -14.75
CA HIS A 53 3.69 -23.45 -15.79
C HIS A 53 2.31 -22.82 -15.89
N ASN A 54 2.02 -21.89 -14.98
CA ASN A 54 0.74 -21.15 -14.96
C ASN A 54 0.91 -19.66 -14.71
N LYS A 55 0.08 -18.86 -15.38
CA LYS A 55 0.11 -17.44 -15.17
C LYS A 55 -1.20 -16.92 -14.59
N VAL A 56 -1.10 -16.36 -13.39
CA VAL A 56 -2.23 -15.91 -12.60
C VAL A 56 -2.36 -14.39 -12.58
N ASP A 57 -3.55 -13.92 -12.21
CA ASP A 57 -3.87 -12.50 -12.21
C ASP A 57 -3.67 -11.83 -10.85
N ALA A 58 -3.84 -12.60 -9.78
CA ALA A 58 -3.76 -12.10 -8.39
C ALA A 58 -3.44 -13.22 -7.44
N ILE A 59 -2.63 -12.96 -6.42
CA ILE A 59 -2.39 -13.96 -5.39
C ILE A 59 -2.71 -13.46 -3.94
N PHE A 60 -3.38 -14.29 -3.14
CA PHE A 60 -3.77 -13.98 -1.76
C PHE A 60 -2.93 -14.85 -0.90
N LEU A 61 -2.17 -14.26 -0.01
CA LEU A 61 -1.29 -15.09 0.72
C LEU A 61 -1.11 -14.62 2.13
N ASP A 62 -1.02 -15.58 3.04
CA ASP A 62 -0.51 -15.34 4.39
C ASP A 62 1.01 -15.44 4.26
N ILE A 63 1.71 -15.31 5.38
CA ILE A 63 3.15 -15.11 5.43
C ILE A 63 3.90 -16.30 6.07
N ASN A 64 3.51 -16.69 7.26
CA ASN A 64 4.22 -17.77 7.91
C ASN A 64 3.83 -19.12 7.31
N ILE A 65 4.19 -19.27 6.02
CA ILE A 65 3.96 -20.47 5.24
C ILE A 65 5.24 -21.26 4.87
N PRO A 66 5.10 -22.60 4.72
CA PRO A 66 6.23 -23.55 4.66
C PRO A 66 7.12 -23.48 3.41
N SER A 67 8.42 -23.74 3.60
CA SER A 67 9.43 -23.87 2.54
C SER A 67 9.94 -22.50 2.11
N LEU A 68 9.01 -21.69 1.61
CA LEU A 68 9.29 -20.34 1.19
C LEU A 68 8.18 -19.48 1.82
N ASP A 69 8.56 -18.60 2.76
CA ASP A 69 7.57 -17.73 3.43
C ASP A 69 6.91 -16.75 2.42
N GLY A 70 5.81 -16.12 2.82
CA GLY A 70 5.04 -15.27 1.93
C GLY A 70 5.65 -13.93 1.53
N VAL A 71 6.62 -13.42 2.27
CA VAL A 71 7.24 -12.16 1.85
C VAL A 71 8.24 -12.37 0.69
N LEU A 72 9.16 -13.33 0.89
CA LEU A 72 10.08 -13.82 -0.15
C LEU A 72 9.35 -14.12 -1.43
N LEU A 73 8.27 -14.88 -1.31
CA LEU A 73 7.45 -15.30 -2.42
C LEU A 73 6.88 -14.12 -3.18
N ALA A 74 6.27 -13.19 -2.44
CA ALA A 74 5.66 -11.97 -3.02
C ALA A 74 6.74 -11.03 -3.63
N GLN A 75 7.82 -10.85 -2.89
CA GLN A 75 9.04 -10.21 -3.40
C GLN A 75 9.49 -10.79 -4.72
N ASN A 76 9.68 -12.10 -4.76
CA ASN A 76 10.00 -12.77 -6.00
C ASN A 76 9.01 -12.54 -7.14
N ILE A 77 7.73 -12.73 -6.83
CA ILE A 77 6.66 -12.61 -7.82
C ILE A 77 6.57 -11.17 -8.30
N SER A 78 6.95 -10.24 -7.45
CA SER A 78 6.77 -8.87 -7.86
C SER A 78 7.85 -8.41 -8.82
N GLN A 79 8.82 -9.28 -9.07
CA GLN A 79 9.83 -9.08 -10.10
C GLN A 79 9.32 -9.54 -11.48
N PHE A 80 8.24 -10.31 -11.52
CA PHE A 80 7.72 -10.89 -12.76
C PHE A 80 7.23 -9.88 -13.75
N ALA A 81 7.36 -10.20 -15.04
CA ALA A 81 6.72 -9.48 -16.15
C ALA A 81 5.24 -9.72 -16.06
N HIS A 82 4.42 -8.76 -16.43
CA HIS A 82 2.97 -8.96 -16.23
C HIS A 82 2.64 -9.60 -14.85
N LYS A 83 3.29 -9.13 -13.77
CA LYS A 83 3.06 -9.72 -12.45
C LYS A 83 1.57 -9.67 -11.99
N PRO A 84 1.16 -10.65 -11.16
CA PRO A 84 -0.17 -10.57 -10.55
C PRO A 84 -0.28 -9.49 -9.46
N PHE A 85 -1.53 -9.17 -9.10
CA PHE A 85 -1.77 -8.38 -7.91
C PHE A 85 -1.37 -9.19 -6.72
N ILE A 86 -0.87 -8.52 -5.71
CA ILE A 86 -0.50 -9.20 -4.47
C ILE A 86 -1.31 -8.64 -3.29
N VAL A 87 -1.98 -9.54 -2.55
CA VAL A 87 -2.83 -9.14 -1.44
C VAL A 87 -2.48 -10.03 -0.28
N PHE A 88 -1.90 -9.44 0.75
CA PHE A 88 -1.64 -10.17 1.95
C PHE A 88 -2.94 -10.20 2.79
N ILE A 89 -3.17 -11.39 3.39
CA ILE A 89 -4.26 -11.61 4.41
C ILE A 89 -3.64 -12.41 5.54
N THR A 90 -3.35 -11.75 6.66
CA THR A 90 -2.50 -12.30 7.70
C THR A 90 -2.91 -11.79 9.11
N ALA A 91 -2.59 -12.58 10.14
CA ALA A 91 -2.73 -12.17 11.54
C ALA A 91 -1.56 -11.32 12.04
N TRP A 92 -0.45 -11.34 11.32
CA TRP A 92 0.75 -10.59 11.72
C TRP A 92 0.85 -9.17 11.10
N LYS A 93 1.07 -8.14 11.89
CA LYS A 93 1.14 -6.79 11.33
C LYS A 93 2.57 -6.33 10.95
N GLU A 94 3.56 -7.17 11.22
CA GLU A 94 4.97 -6.74 11.11
C GLU A 94 5.54 -6.62 9.71
N HIS A 95 4.83 -7.09 8.68
CA HIS A 95 5.39 -7.10 7.33
C HIS A 95 4.73 -6.14 6.34
N ALA A 96 3.97 -5.17 6.86
CA ALA A 96 3.24 -4.20 6.05
C ALA A 96 4.15 -3.21 5.35
N VAL A 97 5.18 -2.75 6.04
CA VAL A 97 6.22 -1.93 5.43
C VAL A 97 6.87 -2.66 4.24
N GLU A 98 7.29 -3.91 4.41
CA GLU A 98 7.85 -4.70 3.29
C GLU A 98 6.83 -4.81 2.22
N ALA A 99 5.56 -4.97 2.62
CA ALA A 99 4.52 -5.02 1.61
C ALA A 99 4.35 -3.74 0.80
N PHE A 100 4.51 -2.58 1.41
CA PHE A 100 4.52 -1.32 0.66
C PHE A 100 5.75 -1.37 -0.27
N GLU A 101 6.90 -1.81 0.25
CA GLU A 101 8.13 -1.80 -0.55
C GLU A 101 8.00 -2.62 -1.83
N LEU A 102 7.24 -3.73 -1.82
CA LEU A 102 7.06 -4.58 -3.00
C LEU A 102 5.81 -4.23 -3.81
N GLU A 103 5.14 -3.15 -3.38
CA GLU A 103 3.93 -2.67 -4.01
C GLU A 103 2.74 -3.63 -3.97
N ALA A 104 2.49 -4.22 -2.79
CA ALA A 104 1.25 -5.01 -2.56
C ALA A 104 -0.03 -4.22 -2.87
N PHE A 105 -1.05 -4.92 -3.32
CA PHE A 105 -2.31 -4.31 -3.52
C PHE A 105 -2.97 -3.97 -2.18
N ASP A 106 -2.83 -4.84 -1.17
CA ASP A 106 -3.51 -4.61 0.12
C ASP A 106 -2.87 -5.48 1.13
N TYR A 107 -3.11 -5.17 2.38
CA TYR A 107 -2.61 -5.93 3.49
C TYR A 107 -3.77 -5.93 4.51
N ILE A 108 -4.47 -7.06 4.59
CA ILE A 108 -5.67 -7.25 5.40
C ILE A 108 -5.37 -8.06 6.66
N LEU A 109 -5.63 -7.49 7.83
CA LEU A 109 -5.33 -8.20 9.06
C LEU A 109 -6.48 -9.17 9.42
N LYS A 110 -6.09 -10.35 9.93
CA LYS A 110 -6.97 -11.36 10.51
C LYS A 110 -7.03 -11.11 12.03
N PRO A 111 -8.24 -11.21 12.64
CA PRO A 111 -9.53 -11.48 12.00
C PRO A 111 -10.08 -10.31 11.18
N TYR A 112 -10.66 -10.62 10.03
CA TYR A 112 -11.21 -9.60 9.15
C TYR A 112 -12.75 -9.68 9.06
N GLN A 113 -13.34 -8.65 8.47
CA GLN A 113 -14.78 -8.60 8.34
C GLN A 113 -15.17 -8.77 6.87
N GLU A 114 -16.20 -9.56 6.62
CA GLU A 114 -16.68 -9.80 5.26
C GLU A 114 -16.55 -8.57 4.35
N SER A 115 -16.79 -7.37 4.88
CA SER A 115 -16.82 -6.15 4.04
C SER A 115 -15.43 -5.64 3.60
N ARG A 116 -14.44 -5.71 4.50
CA ARG A 116 -13.02 -5.54 4.16
C ARG A 116 -12.68 -6.41 2.94
N ILE A 117 -12.89 -7.71 3.09
CA ILE A 117 -12.71 -8.66 2.00
C ILE A 117 -13.54 -8.37 0.77
N ILE A 118 -14.80 -8.02 0.99
CA ILE A 118 -15.75 -7.77 -0.12
C ILE A 118 -15.41 -6.50 -0.88
N ASN A 119 -15.01 -5.44 -0.19
CA ASN A 119 -14.66 -4.23 -0.90
C ASN A 119 -13.33 -4.34 -1.66
N MET A 120 -12.34 -4.97 -1.03
CA MET A 120 -11.03 -5.27 -1.63
C MET A 120 -11.26 -6.02 -2.95
N LEU A 121 -12.12 -7.04 -2.89
CA LEU A 121 -12.47 -7.83 -4.05
C LEU A 121 -13.08 -7.00 -5.16
N GLN A 122 -13.81 -5.94 -4.80
CA GLN A 122 -14.45 -5.11 -5.80
C GLN A 122 -13.44 -4.15 -6.42
N LYS A 123 -12.67 -3.49 -5.54
CA LYS A 123 -11.50 -2.72 -5.95
C LYS A 123 -10.56 -3.50 -6.89
N LEU A 124 -10.32 -4.78 -6.55
CA LEU A 124 -9.36 -5.63 -7.23
C LEU A 124 -9.85 -6.02 -8.62
N THR A 125 -11.13 -6.37 -8.70
CA THR A 125 -11.80 -6.64 -9.97
C THR A 125 -11.66 -5.47 -10.95
N THR A 126 -11.92 -4.26 -10.44
CA THR A 126 -11.85 -3.03 -11.23
C THR A 126 -10.40 -2.74 -11.69
N ALA A 127 -9.45 -2.93 -10.77
CA ALA A 127 -8.03 -2.73 -11.05
C ALA A 127 -7.52 -3.66 -12.15
N TRP A 128 -8.02 -4.89 -12.14
CA TRP A 128 -7.71 -5.85 -13.19
C TRP A 128 -8.36 -5.43 -14.50
N GLU A 129 -9.68 -5.28 -14.49
CA GLU A 129 -10.39 -4.62 -15.58
C GLU A 129 -9.53 -3.53 -16.20
N GLN A 130 -9.12 -2.56 -15.39
CA GLN A 130 -8.59 -1.30 -15.90
C GLN A 130 -7.28 -1.52 -16.66
N GLN A 131 -6.59 -2.61 -16.32
CA GLN A 131 -5.30 -2.91 -16.94
C GLN A 131 -5.47 -3.87 -18.13
N MET B 10 1.43 20.35 -10.28
CA MET B 10 1.15 19.39 -9.15
C MET B 10 1.57 20.03 -7.82
N LYS B 11 0.58 20.26 -6.95
CA LYS B 11 0.82 21.00 -5.71
C LYS B 11 0.88 20.04 -4.54
N VAL B 12 1.91 20.21 -3.72
CA VAL B 12 2.16 19.28 -2.65
C VAL B 12 2.48 20.06 -1.39
N ILE B 13 2.28 19.39 -0.26
CA ILE B 13 2.69 19.93 1.03
C ILE B 13 3.52 18.89 1.79
N ILE B 14 4.42 19.34 2.64
CA ILE B 14 5.24 18.48 3.46
C ILE B 14 4.83 18.70 4.91
N VAL B 15 4.60 17.61 5.63
CA VAL B 15 4.28 17.73 7.02
C VAL B 15 5.39 17.07 7.84
N GLU B 16 6.29 17.87 8.41
CA GLU B 16 7.45 17.33 9.11
C GLU B 16 7.90 18.18 10.33
N ASP B 17 7.91 17.54 11.49
CA ASP B 17 8.33 18.12 12.77
C ASP B 17 9.71 18.81 12.72
N GLU B 18 10.57 18.34 11.83
CA GLU B 18 12.01 18.33 12.04
C GLU B 18 12.78 18.95 10.86
N PHE B 19 13.46 20.05 11.14
CA PHE B 19 14.05 20.92 10.10
C PHE B 19 14.95 20.25 9.03
N LEU B 20 15.91 19.42 9.48
CA LEU B 20 16.85 18.75 8.55
C LEU B 20 16.12 17.79 7.59
N ALA B 21 15.18 17.01 8.15
CA ALA B 21 14.29 16.14 7.39
C ALA B 21 13.43 16.88 6.37
N GLN B 22 12.76 17.96 6.78
CA GLN B 22 12.03 18.74 5.79
C GLN B 22 12.95 19.40 4.76
N GLN B 23 14.15 19.80 5.16
CA GLN B 23 15.06 20.35 4.15
C GLN B 23 15.49 19.26 3.13
N GLU B 24 15.90 18.11 3.64
CA GLU B 24 16.23 16.94 2.79
C GLU B 24 15.12 16.60 1.79
N LEU B 25 13.89 16.42 2.32
CA LEU B 25 12.81 16.02 1.45
C LEU B 25 12.44 17.10 0.44
N SER B 26 12.42 18.36 0.88
CA SER B 26 12.10 19.43 -0.07
C SER B 26 13.19 19.61 -1.15
N TRP B 27 14.46 19.43 -0.78
CA TRP B 27 15.57 19.39 -1.79
C TRP B 27 15.30 18.29 -2.83
N LEU B 28 15.01 17.08 -2.35
CA LEU B 28 14.66 15.97 -3.24
C LEU B 28 13.49 16.30 -4.14
N ILE B 29 12.45 16.92 -3.60
CA ILE B 29 11.27 17.19 -4.43
C ILE B 29 11.59 18.24 -5.49
N ASN B 30 12.19 19.34 -5.05
CA ASN B 30 12.61 20.41 -5.97
C ASN B 30 13.55 19.93 -7.08
N THR B 31 14.50 19.09 -6.73
CA THR B 31 15.50 18.61 -7.69
C THR B 31 14.95 17.55 -8.65
N HIS B 32 14.35 16.50 -8.11
CA HIS B 32 13.99 15.38 -8.95
C HIS B 32 12.55 15.32 -9.40
N SER B 33 11.81 16.42 -9.29
CA SER B 33 10.43 16.43 -9.80
C SER B 33 10.00 17.82 -10.28
N GLN B 34 8.88 17.87 -10.97
CA GLN B 34 8.22 19.12 -11.30
C GLN B 34 7.17 19.62 -10.28
N MET B 35 7.06 18.97 -9.11
CA MET B 35 6.01 19.35 -8.12
C MET B 35 6.25 20.69 -7.48
N GLU B 36 5.17 21.37 -7.08
CA GLU B 36 5.31 22.64 -6.33
C GLU B 36 4.96 22.47 -4.86
N ILE B 37 5.88 22.83 -3.98
CA ILE B 37 5.62 22.82 -2.57
C ILE B 37 4.88 24.09 -2.13
N VAL B 38 3.57 23.93 -2.14
CA VAL B 38 2.61 24.91 -1.71
C VAL B 38 2.65 25.17 -0.16
N GLY B 39 3.44 24.42 0.62
CA GLY B 39 3.52 24.65 2.07
C GLY B 39 4.19 23.52 2.87
N SER B 40 4.97 23.89 3.90
CA SER B 40 5.54 22.95 4.87
C SER B 40 5.05 23.19 6.29
N PHE B 41 4.51 22.16 6.92
CA PHE B 41 3.86 22.32 8.19
C PHE B 41 4.50 21.43 9.21
N ASP B 42 4.63 21.92 10.45
CA ASP B 42 5.21 21.16 11.58
C ASP B 42 4.16 20.74 12.59
N ASP B 43 2.88 21.00 12.25
CA ASP B 43 1.76 20.86 13.16
C ASP B 43 0.56 20.36 12.39
N GLY B 44 -0.05 19.28 12.88
CA GLY B 44 -1.18 18.64 12.23
C GLY B 44 -2.44 19.50 12.12
N LEU B 45 -2.60 20.42 13.06
CA LEU B 45 -3.80 21.23 13.07
C LEU B 45 -3.68 22.34 12.03
N ASP B 46 -2.49 22.89 11.91
CA ASP B 46 -2.21 23.88 10.90
C ASP B 46 -2.40 23.32 9.52
N VAL B 47 -2.26 22.01 9.37
CA VAL B 47 -2.49 21.36 8.06
C VAL B 47 -3.98 21.31 7.75
N LEU B 48 -4.75 20.81 8.71
CA LEU B 48 -6.19 20.68 8.62
C LEU B 48 -6.89 22.00 8.35
N LYS B 49 -6.38 23.08 8.95
CA LYS B 49 -6.80 24.47 8.65
C LYS B 49 -6.40 24.87 7.27
N PHE B 50 -5.10 24.81 7.00
CA PHE B 50 -4.66 25.05 5.61
C PHE B 50 -5.51 24.33 4.57
N LEU B 51 -5.89 23.08 4.83
CA LEU B 51 -6.68 22.33 3.83
C LEU B 51 -8.10 22.84 3.62
N GLN B 52 -8.53 23.74 4.49
CA GLN B 52 -9.90 24.30 4.37
C GLN B 52 -9.96 25.40 3.31
N HIS B 53 -8.81 25.95 2.90
CA HIS B 53 -8.76 27.07 1.96
C HIS B 53 -7.83 26.83 0.75
N ASN B 54 -7.26 25.63 0.70
CA ASN B 54 -6.35 25.19 -0.36
C ASN B 54 -6.53 23.73 -0.71
N LYS B 55 -6.59 23.43 -2.01
CA LYS B 55 -6.56 22.04 -2.49
C LYS B 55 -5.16 21.61 -2.95
N VAL B 56 -4.73 20.44 -2.47
CA VAL B 56 -3.41 19.89 -2.80
C VAL B 56 -3.57 18.56 -3.53
N ASP B 57 -2.53 18.20 -4.29
CA ASP B 57 -2.51 16.98 -5.09
C ASP B 57 -1.91 15.80 -4.31
N ALA B 58 -1.00 16.11 -3.40
CA ALA B 58 -0.31 15.09 -2.61
C ALA B 58 0.14 15.68 -1.28
N ILE B 59 0.21 14.83 -0.26
CA ILE B 59 0.83 15.23 1.02
C ILE B 59 1.86 14.20 1.47
N PHE B 60 3.02 14.68 1.88
CA PHE B 60 4.01 13.84 2.52
C PHE B 60 4.04 14.11 4.01
N LEU B 61 3.89 13.09 4.83
CA LEU B 61 3.78 13.29 6.25
C LEU B 61 4.44 12.21 7.07
N ASP B 62 4.99 12.64 8.21
CA ASP B 62 5.42 11.76 9.29
C ASP B 62 4.23 11.64 10.25
N ILE B 63 4.37 10.82 11.29
CA ILE B 63 3.22 10.40 12.09
C ILE B 63 3.12 11.13 13.44
N ASN B 64 4.26 11.29 14.10
CA ASN B 64 4.25 11.82 15.45
C ASN B 64 4.44 13.34 15.27
N ILE B 65 3.32 14.02 14.98
CA ILE B 65 3.29 15.46 14.75
C ILE B 65 2.32 16.14 15.72
N PRO B 66 2.71 17.29 16.30
CA PRO B 66 1.89 18.06 17.25
C PRO B 66 0.41 18.18 16.85
N SER B 67 -0.46 18.23 17.86
CA SER B 67 -1.90 18.63 17.76
C SER B 67 -2.88 17.63 17.19
N LEU B 68 -2.46 16.90 16.15
CA LEU B 68 -3.36 15.99 15.43
C LEU B 68 -2.46 14.99 14.72
N ASP B 69 -2.55 13.70 15.03
CA ASP B 69 -1.48 12.80 14.59
C ASP B 69 -1.56 12.53 13.09
N GLY B 70 -0.42 12.11 12.53
CA GLY B 70 -0.36 11.86 11.09
C GLY B 70 -1.39 10.88 10.57
N VAL B 71 -1.65 9.80 11.30
CA VAL B 71 -2.64 8.79 10.92
C VAL B 71 -4.08 9.35 10.89
N LEU B 72 -4.46 10.10 11.91
CA LEU B 72 -5.82 10.67 11.97
C LEU B 72 -5.99 11.67 10.85
N LEU B 73 -4.97 12.47 10.63
CA LEU B 73 -5.01 13.41 9.55
C LEU B 73 -5.22 12.73 8.18
N ALA B 74 -4.39 11.73 7.89
CA ALA B 74 -4.45 10.99 6.64
C ALA B 74 -5.74 10.25 6.53
N GLN B 75 -6.20 9.62 7.60
CA GLN B 75 -7.56 9.03 7.58
C GLN B 75 -8.65 10.04 7.15
N ASN B 76 -8.60 11.22 7.74
CA ASN B 76 -9.52 12.31 7.45
C ASN B 76 -9.54 12.75 5.98
N ILE B 77 -8.36 13.15 5.53
CA ILE B 77 -8.08 13.52 4.13
C ILE B 77 -8.49 12.46 3.10
N SER B 78 -8.40 11.18 3.49
CA SER B 78 -8.76 10.11 2.59
C SER B 78 -10.26 9.98 2.45
N GLN B 79 -10.99 10.75 3.26
CA GLN B 79 -12.43 10.76 3.13
C GLN B 79 -12.88 11.80 2.12
N PHE B 80 -12.01 12.77 1.86
CA PHE B 80 -12.29 13.87 0.94
C PHE B 80 -12.68 13.42 -0.47
N ALA B 81 -13.44 14.30 -1.13
CA ALA B 81 -13.68 14.21 -2.56
C ALA B 81 -12.45 14.76 -3.29
N HIS B 82 -12.07 14.09 -4.34
CA HIS B 82 -10.83 14.50 -5.03
C HIS B 82 -9.64 14.57 -4.03
N LYS B 83 -9.48 13.51 -3.24
CA LYS B 83 -8.42 13.43 -2.26
C LYS B 83 -7.01 13.50 -2.86
N PRO B 84 -6.09 14.18 -2.17
CA PRO B 84 -4.68 14.05 -2.53
C PRO B 84 -4.14 12.60 -2.31
N PHE B 85 -3.03 12.29 -2.95
CA PHE B 85 -2.25 11.08 -2.68
C PHE B 85 -1.65 11.32 -1.34
N ILE B 86 -1.45 10.27 -0.58
CA ILE B 86 -0.88 10.37 0.75
C ILE B 86 0.38 9.50 0.83
N VAL B 87 1.46 10.07 1.34
CA VAL B 87 2.72 9.34 1.38
C VAL B 87 3.28 9.55 2.74
N PHE B 88 3.45 8.46 3.48
CA PHE B 88 4.04 8.56 4.77
C PHE B 88 5.57 8.47 4.61
N ILE B 89 6.27 9.34 5.32
CA ILE B 89 7.72 9.28 5.39
C ILE B 89 8.02 9.43 6.86
N THR B 90 8.45 8.36 7.48
CA THR B 90 8.45 8.28 8.92
C THR B 90 9.45 7.25 9.44
N ALA B 91 9.97 7.48 10.64
CA ALA B 91 10.87 6.53 11.27
C ALA B 91 10.09 5.38 11.89
N TRP B 92 8.79 5.58 12.12
CA TRP B 92 7.93 4.59 12.79
C TRP B 92 7.35 3.52 11.89
N LYS B 93 7.55 2.27 12.28
CA LYS B 93 7.17 1.10 11.46
C LYS B 93 5.72 0.61 11.73
N GLU B 94 5.20 0.98 12.89
CA GLU B 94 4.00 0.39 13.39
C GLU B 94 2.68 0.79 12.66
N HIS B 95 2.71 1.81 11.81
CA HIS B 95 1.45 2.29 11.24
C HIS B 95 1.08 1.93 9.82
N ALA B 96 1.84 1.02 9.20
CA ALA B 96 1.70 0.72 7.79
C ALA B 96 0.44 -0.07 7.45
N VAL B 97 -0.03 -0.92 8.36
CA VAL B 97 -1.34 -1.56 8.21
C VAL B 97 -2.47 -0.52 8.07
N GLU B 98 -2.45 0.50 8.92
CA GLU B 98 -3.39 1.62 8.87
C GLU B 98 -3.26 2.35 7.56
N ALA B 99 -2.00 2.51 7.13
CA ALA B 99 -1.72 3.21 5.85
C ALA B 99 -2.33 2.49 4.64
N PHE B 100 -2.26 1.16 4.62
CA PHE B 100 -3.03 0.32 3.70
C PHE B 100 -4.59 0.47 3.85
N GLU B 101 -5.06 0.55 5.10
CA GLU B 101 -6.52 0.64 5.36
C GLU B 101 -7.04 1.95 4.76
N LEU B 102 -6.32 3.06 4.97
CA LEU B 102 -6.69 4.34 4.32
C LEU B 102 -6.19 4.53 2.85
N GLU B 103 -5.48 3.53 2.32
CA GLU B 103 -5.06 3.53 0.91
C GLU B 103 -4.02 4.60 0.58
N ALA B 104 -3.00 4.67 1.41
CA ALA B 104 -1.86 5.52 1.21
C ALA B 104 -1.12 5.13 -0.10
N PHE B 105 -0.48 6.10 -0.72
CA PHE B 105 0.26 5.84 -1.93
C PHE B 105 1.54 5.07 -1.63
N ASP B 106 2.20 5.43 -0.54
CA ASP B 106 3.44 4.75 -0.14
C ASP B 106 3.69 5.01 1.33
N TYR B 107 4.63 4.25 1.89
CA TYR B 107 5.04 4.36 3.27
C TYR B 107 6.53 4.01 3.36
N ILE B 108 7.36 5.05 3.53
CA ILE B 108 8.78 5.00 3.42
C ILE B 108 9.39 5.22 4.79
N LEU B 109 10.21 4.27 5.21
CA LEU B 109 10.89 4.33 6.50
C LEU B 109 12.08 5.27 6.49
N LYS B 110 12.20 6.09 7.53
CA LYS B 110 13.40 6.87 7.77
C LYS B 110 14.34 6.07 8.66
N PRO B 111 15.68 6.15 8.41
CA PRO B 111 16.43 6.75 7.30
C PRO B 111 16.16 6.07 5.96
N TYR B 112 16.14 6.87 4.89
CA TYR B 112 15.86 6.35 3.55
C TYR B 112 17.02 6.58 2.58
N GLN B 113 17.05 5.79 1.51
CA GLN B 113 18.00 6.04 0.45
C GLN B 113 17.38 7.08 -0.43
N GLU B 114 18.21 7.94 -0.98
CA GLU B 114 17.73 8.92 -1.92
C GLU B 114 16.86 8.28 -3.01
N SER B 115 17.25 7.11 -3.50
CA SER B 115 16.59 6.47 -4.67
C SER B 115 15.16 5.99 -4.40
N ARG B 116 14.91 5.49 -3.19
CA ARG B 116 13.56 5.25 -2.65
C ARG B 116 12.60 6.44 -2.90
N ILE B 117 13.04 7.65 -2.51
CA ILE B 117 12.32 8.91 -2.76
C ILE B 117 12.19 9.21 -4.21
N ILE B 118 13.30 9.17 -4.93
CA ILE B 118 13.30 9.51 -6.36
C ILE B 118 12.37 8.59 -7.16
N ASN B 119 12.45 7.29 -6.95
CA ASN B 119 11.54 6.35 -7.64
C ASN B 119 10.05 6.61 -7.28
N MET B 120 9.82 7.05 -6.04
CA MET B 120 8.46 7.25 -5.58
C MET B 120 7.95 8.50 -6.25
N LEU B 121 8.79 9.54 -6.34
CA LEU B 121 8.35 10.79 -6.97
C LEU B 121 7.90 10.57 -8.39
N GLN B 122 8.67 9.74 -9.08
CA GLN B 122 8.42 9.42 -10.47
C GLN B 122 7.16 8.60 -10.61
N LYS B 123 7.00 7.63 -9.72
CA LYS B 123 5.79 6.83 -9.77
C LYS B 123 4.59 7.72 -9.38
N LEU B 124 4.83 8.68 -8.47
CA LEU B 124 3.78 9.56 -7.98
C LEU B 124 3.35 10.51 -9.09
N THR B 125 4.33 11.01 -9.85
CA THR B 125 4.10 11.90 -10.98
C THR B 125 3.25 11.19 -12.02
N THR B 126 3.61 9.96 -12.30
CA THR B 126 2.89 9.18 -13.31
C THR B 126 1.43 8.92 -12.93
N ALA B 127 1.21 8.45 -11.71
CA ALA B 127 -0.12 8.24 -11.15
C ALA B 127 -0.96 9.51 -11.24
N TRP B 128 -0.35 10.67 -10.94
CA TRP B 128 -1.06 11.95 -11.02
C TRP B 128 -1.47 12.30 -12.46
N GLU B 129 -0.57 12.07 -13.41
CA GLU B 129 -0.82 12.35 -14.83
C GLU B 129 -1.89 11.43 -15.40
N GLN B 130 -1.76 10.11 -15.15
CA GLN B 130 -2.79 9.10 -15.41
C GLN B 130 -4.17 9.58 -14.87
N GLN B 131 -4.14 10.19 -13.68
CA GLN B 131 -5.29 10.84 -13.09
C GLN B 131 -5.53 12.19 -13.77
#